data_4A7G
#
_entry.id   4A7G
#
_cell.length_a   38.793
_cell.length_b   68.352
_cell.length_c   49.920
_cell.angle_alpha   90.00
_cell.angle_beta   104.49
_cell.angle_gamma   90.00
#
_symmetry.space_group_name_H-M   'P 1 21 1'
#
loop_
_entity.id
_entity.type
_entity.pdbx_description
1 polymer 'SUPEROXIDE DISMUTASE [CU-ZN]'
2 polymer 'SUPEROXIDE DISMUTASE [CU-ZN]'
3 non-polymer 'SULFATE ION'
4 non-polymer 4-(4-METHYLPIPERAZIN-1-YL)QUINAZOLINE
5 non-polymer 'COPPER (II) ION'
6 non-polymer 'ZINC ION'
7 non-polymer 'ACETATE ION'
8 water water
#
loop_
_entity_poly.entity_id
_entity_poly.type
_entity_poly.pdbx_seq_one_letter_code
_entity_poly.pdbx_strand_id
1 'polypeptide(L)'
;ATKAVCVLKGDGPVQGIINFEQKESNGPVKVWGSIKGLTEGLHGFHVHEFGDNTAGCTSAGPHFNPLSRKHGGPKDEERH
VGDLGNVTADKDGVADVSTEDSVISLSGDHCITGRTLVVHEKADDLGKGGNEESTKTGNAGSRLACGVIGIAQ
;
A
2 'polypeptide(L)'
;ATKAVCVLKGDGPVQGIINFEQKESNGPVKVWGSIKGLTEGLHGFHVHEFGDNTAGCTSAGPHFNPLSRKHGGPKDEERH
VGDLGNVTADKDGVADVSIEDSVISLSGDHCITGRTLVVHEKADDLGKGGNEESTKTGNAGSRLACGVIGIAQ
;
F
#
loop_
_chem_comp.id
_chem_comp.type
_chem_comp.name
_chem_comp.formula
12I non-polymer 4-(4-METHYLPIPERAZIN-1-YL)QUINAZOLINE 'C13 H16 N4'
ACT non-polymer 'ACETATE ION' 'C2 H3 O2 -1'
CU non-polymer 'COPPER (II) ION' 'Cu 2'
SO4 non-polymer 'SULFATE ION' 'O4 S -2'
ZN non-polymer 'ZINC ION' 'Zn 2'
#
# COMPACT_ATOMS: atom_id res chain seq x y z
N ALA A 1 13.38 6.84 -14.11
CA ALA A 1 12.63 7.51 -13.01
C ALA A 1 11.91 6.46 -12.20
N THR A 2 11.62 6.79 -10.96
CA THR A 2 10.86 5.94 -10.07
C THR A 2 9.50 6.57 -9.83
N LYS A 3 8.45 5.73 -9.81
CA LYS A 3 7.09 6.19 -9.71
C LYS A 3 6.36 5.47 -8.61
N ALA A 4 5.40 6.17 -8.00
CA ALA A 4 4.55 5.58 -6.97
C ALA A 4 3.17 6.20 -7.07
N VAL A 5 2.21 5.60 -6.39
CA VAL A 5 0.83 6.02 -6.50
C VAL A 5 0.10 5.67 -5.20
N CYS A 6 -0.94 6.45 -4.88
CA CYS A 6 -1.77 6.21 -3.73
C CYS A 6 -3.22 6.48 -4.07
N VAL A 7 -4.08 5.53 -3.73
CA VAL A 7 -5.50 5.69 -3.85
C VAL A 7 -6.02 6.02 -2.44
N LEU A 8 -6.59 7.20 -2.27
N LEU A 8 -6.57 7.22 -2.27
CA LEU A 8 -7.11 7.64 -0.98
CA LEU A 8 -7.10 7.62 -0.97
C LEU A 8 -8.58 7.34 -0.85
C LEU A 8 -8.58 7.30 -0.87
N LYS A 9 -8.94 6.64 0.23
CA LYS A 9 -10.31 6.27 0.53
C LYS A 9 -10.52 6.34 2.03
N GLY A 10 -11.76 6.53 2.44
CA GLY A 10 -12.11 6.50 3.85
C GLY A 10 -13.54 6.09 4.07
N ASP A 11 -14.07 6.40 5.24
CA ASP A 11 -15.44 6.02 5.56
C ASP A 11 -16.49 7.01 5.08
N GLY A 12 -16.05 8.19 4.68
CA GLY A 12 -16.95 9.22 4.18
C GLY A 12 -16.75 9.49 2.70
N PRO A 13 -17.00 10.73 2.28
CA PRO A 13 -16.98 11.04 0.85
C PRO A 13 -15.62 11.41 0.26
N VAL A 14 -14.60 11.51 1.09
CA VAL A 14 -13.32 11.99 0.62
C VAL A 14 -12.57 10.87 -0.12
N GLN A 15 -12.17 11.16 -1.34
CA GLN A 15 -11.43 10.18 -2.11
C GLN A 15 -10.53 10.86 -3.08
N GLY A 16 -9.42 10.24 -3.42
CA GLY A 16 -8.54 10.86 -4.39
C GLY A 16 -7.49 9.92 -4.92
N ILE A 17 -6.70 10.40 -5.85
CA ILE A 17 -5.61 9.65 -6.45
C ILE A 17 -4.42 10.59 -6.47
N ILE A 18 -3.31 10.14 -5.89
CA ILE A 18 -2.10 10.93 -5.84
C ILE A 18 -0.96 10.11 -6.48
N ASN A 19 -0.25 10.76 -7.39
CA ASN A 19 0.90 10.21 -8.08
C ASN A 19 2.19 10.85 -7.59
N PHE A 20 3.27 10.09 -7.61
CA PHE A 20 4.62 10.49 -7.21
C PHE A 20 5.59 10.10 -8.31
N GLU A 21 6.55 10.99 -8.60
CA GLU A 21 7.62 10.64 -9.53
C GLU A 21 8.90 11.29 -9.07
N GLN A 22 9.99 10.54 -9.14
CA GLN A 22 11.30 11.00 -8.74
C GLN A 22 12.27 10.62 -9.85
N LYS A 23 12.79 11.64 -10.52
CA LYS A 23 13.65 11.44 -11.67
C LYS A 23 14.98 10.82 -11.27
N GLU A 24 15.54 11.24 -10.12
CA GLU A 24 16.86 10.80 -9.65
C GLU A 24 16.74 10.48 -8.18
N SER A 25 17.46 9.49 -7.68
CA SER A 25 17.35 9.13 -6.27
C SER A 25 17.75 10.25 -5.32
N ASN A 26 18.60 11.17 -5.75
CA ASN A 26 18.98 12.31 -4.94
C ASN A 26 18.22 13.57 -5.30
N GLY A 27 17.13 13.40 -6.04
CA GLY A 27 16.38 14.55 -6.53
C GLY A 27 15.04 14.67 -5.84
N PRO A 28 14.30 15.73 -6.17
CA PRO A 28 12.99 15.94 -5.62
C PRO A 28 11.93 15.00 -6.15
N VAL A 29 10.88 14.85 -5.39
CA VAL A 29 9.73 14.06 -5.78
C VAL A 29 8.62 15.01 -6.19
N LYS A 30 8.09 14.82 -7.39
CA LYS A 30 6.88 15.52 -7.80
C LYS A 30 5.66 14.73 -7.32
N VAL A 31 4.67 15.45 -6.81
CA VAL A 31 3.47 14.87 -6.23
C VAL A 31 2.28 15.58 -6.86
N TRP A 32 1.38 14.84 -7.48
CA TRP A 32 0.26 15.47 -8.14
C TRP A 32 -0.96 14.58 -8.15
N GLY A 33 -2.11 15.22 -8.20
CA GLY A 33 -3.37 14.51 -8.32
C GLY A 33 -4.50 15.34 -7.84
N SER A 34 -5.56 14.68 -7.43
N SER A 34 -5.56 14.71 -7.40
CA SER A 34 -6.83 15.32 -7.09
CA SER A 34 -6.74 15.45 -6.97
C SER A 34 -7.42 14.62 -5.87
C SER A 34 -7.55 14.66 -5.97
N ILE A 35 -8.13 15.39 -5.03
CA ILE A 35 -8.90 14.84 -3.92
C ILE A 35 -10.22 15.56 -3.94
N LYS A 36 -11.30 14.79 -3.88
CA LYS A 36 -12.64 15.33 -3.93
C LYS A 36 -13.40 14.98 -2.66
N GLY A 37 -14.56 15.60 -2.50
CA GLY A 37 -15.42 15.42 -1.40
C GLY A 37 -15.01 16.13 -0.13
N LEU A 38 -14.15 17.12 -0.25
CA LEU A 38 -13.60 17.85 0.90
C LEU A 38 -14.44 19.06 1.25
N THR A 39 -14.48 19.39 2.53
CA THR A 39 -14.96 20.71 2.95
C THR A 39 -14.00 21.82 2.46
N GLU A 40 -14.52 23.00 2.27
CA GLU A 40 -13.71 24.12 1.77
C GLU A 40 -12.64 24.50 2.79
N GLY A 41 -11.43 24.73 2.31
CA GLY A 41 -10.33 25.15 3.16
C GLY A 41 -9.19 24.17 3.16
N LEU A 42 -8.33 24.31 4.15
CA LEU A 42 -7.11 23.53 4.23
C LEU A 42 -7.35 22.19 4.90
N HIS A 43 -6.62 21.18 4.42
CA HIS A 43 -6.65 19.85 4.99
C HIS A 43 -5.23 19.34 5.09
N GLY A 44 -4.83 18.97 6.29
CA GLY A 44 -3.47 18.45 6.46
C GLY A 44 -3.21 17.25 5.58
N PHE A 45 -1.96 17.13 5.13
CA PHE A 45 -1.59 16.15 4.11
C PHE A 45 -0.22 15.62 4.43
N HIS A 46 -0.17 14.36 4.92
CA HIS A 46 1.07 13.78 5.45
C HIS A 46 1.25 12.34 5.06
N VAL A 47 2.52 11.94 5.02
CA VAL A 47 2.87 10.55 5.03
C VAL A 47 3.03 10.11 6.49
N HIS A 48 2.30 9.06 6.84
CA HIS A 48 2.36 8.46 8.17
C HIS A 48 3.22 7.23 8.13
N GLU A 49 3.69 6.80 9.29
CA GLU A 49 4.74 5.82 9.38
C GLU A 49 4.39 4.44 8.79
N PHE A 50 3.21 3.92 9.11
CA PHE A 50 2.89 2.56 8.78
C PHE A 50 1.95 2.50 7.59
N GLY A 51 2.18 1.51 6.73
CA GLY A 51 1.25 1.20 5.64
C GLY A 51 0.22 0.20 6.11
N ASP A 52 -0.35 0.44 7.27
CA ASP A 52 -1.29 -0.49 7.96
C ASP A 52 -2.64 0.17 8.00
N ASN A 53 -3.61 -0.42 7.33
CA ASN A 53 -4.98 0.09 7.33
C ASN A 53 -5.94 -0.90 7.98
N THR A 54 -5.42 -1.77 8.82
CA THR A 54 -6.20 -2.81 9.42
C THR A 54 -7.50 -2.32 10.01
N ALA A 55 -7.38 -1.28 10.84
CA ALA A 55 -8.56 -0.69 11.49
C ALA A 55 -8.97 0.66 10.93
N GLY A 56 -8.63 0.93 9.68
CA GLY A 56 -8.77 2.24 9.07
C GLY A 56 -7.51 3.08 9.20
N CYS A 57 -7.67 4.37 8.93
CA CYS A 57 -6.54 5.24 8.86
C CYS A 57 -5.77 5.42 10.16
N THR A 58 -6.43 5.15 11.29
N THR A 58 -6.39 5.17 11.32
CA THR A 58 -5.79 5.21 12.60
CA THR A 58 -5.64 5.32 12.56
C THR A 58 -4.58 4.29 12.69
C THR A 58 -4.49 4.32 12.65
N SER A 59 -4.62 3.16 11.98
CA SER A 59 -3.61 2.15 12.06
C SER A 59 -2.27 2.62 11.45
N ALA A 60 -2.28 3.72 10.69
CA ALA A 60 -1.11 4.25 10.04
C ALA A 60 -0.12 4.87 11.01
N GLY A 61 -0.52 5.12 12.25
CA GLY A 61 0.40 5.67 13.24
C GLY A 61 0.68 7.15 13.01
N PRO A 62 1.77 7.63 13.62
CA PRO A 62 2.10 9.05 13.58
C PRO A 62 2.75 9.45 12.24
N HIS A 63 3.04 10.71 12.06
CA HIS A 63 3.74 11.17 10.86
C HIS A 63 5.08 10.43 10.72
N PHE A 64 5.46 10.09 9.48
CA PHE A 64 6.74 9.47 9.20
C PHE A 64 7.86 10.40 9.61
N ASN A 65 8.68 9.94 10.54
CA ASN A 65 9.64 10.79 11.22
C ASN A 65 10.93 10.05 11.54
N PRO A 66 11.64 9.57 10.52
CA PRO A 66 12.86 8.79 10.80
C PRO A 66 13.97 9.60 11.48
N LEU A 67 13.98 10.94 11.37
CA LEU A 67 15.03 11.76 11.98
C LEU A 67 14.65 12.31 13.36
N SER A 68 13.50 11.92 13.88
CA SER A 68 13.09 12.32 15.24
C SER A 68 13.04 13.85 15.40
N ARG A 69 12.43 14.54 14.45
CA ARG A 69 12.28 15.98 14.45
C ARG A 69 10.89 16.34 14.94
N LYS A 70 10.68 17.64 15.14
CA LYS A 70 9.36 18.18 15.41
C LYS A 70 8.59 18.41 14.11
N HIS A 71 7.27 18.48 14.24
CA HIS A 71 6.42 18.74 13.11
C HIS A 71 6.63 20.14 12.53
N GLY A 72 6.60 20.25 11.22
CA GLY A 72 6.67 21.52 10.53
C GLY A 72 5.95 21.47 9.22
N GLY A 73 6.17 22.48 8.41
CA GLY A 73 5.68 22.49 7.05
C GLY A 73 6.74 22.07 6.06
N PRO A 74 6.32 21.86 4.81
CA PRO A 74 7.26 21.29 3.84
C PRO A 74 8.44 22.19 3.52
N LYS A 75 8.30 23.50 3.69
CA LYS A 75 9.40 24.45 3.44
C LYS A 75 10.27 24.70 4.65
N ASP A 76 10.05 24.01 5.74
CA ASP A 76 10.85 24.18 6.97
C ASP A 76 11.97 23.16 7.05
N GLU A 77 13.09 23.53 7.63
N GLU A 77 13.08 23.56 7.65
CA GLU A 77 14.14 22.54 7.91
CA GLU A 77 14.17 22.67 8.01
C GLU A 77 13.68 21.59 9.03
C GLU A 77 13.70 21.64 9.03
N GLU A 78 13.05 22.15 10.07
CA GLU A 78 12.52 21.36 11.15
C GLU A 78 11.13 20.86 10.76
N ARG A 79 11.08 19.61 10.35
CA ARG A 79 9.86 18.94 9.91
C ARG A 79 10.07 17.46 10.05
N HIS A 80 8.96 16.74 10.06
CA HIS A 80 8.98 15.31 9.83
C HIS A 80 9.17 15.04 8.34
N VAL A 81 9.80 13.94 7.96
CA VAL A 81 9.91 13.61 6.54
C VAL A 81 8.52 13.60 5.90
N GLY A 82 7.51 13.08 6.62
CA GLY A 82 6.18 12.99 6.05
C GLY A 82 5.38 14.27 5.95
N ASP A 83 5.93 15.40 6.35
CA ASP A 83 5.18 16.66 6.42
C ASP A 83 5.04 17.36 5.06
N LEU A 84 3.89 17.14 4.40
CA LEU A 84 3.64 17.72 3.10
C LEU A 84 2.64 18.88 3.14
N GLY A 85 2.38 19.38 4.34
CA GLY A 85 1.61 20.60 4.48
C GLY A 85 0.11 20.40 4.43
N ASN A 86 -0.52 21.20 3.58
CA ASN A 86 -1.96 21.18 3.38
C ASN A 86 -2.31 21.06 1.93
N VAL A 87 -3.46 20.44 1.65
CA VAL A 87 -4.12 20.61 0.36
C VAL A 87 -5.29 21.54 0.62
N THR A 88 -5.67 22.29 -0.37
CA THR A 88 -6.73 23.28 -0.20
C THR A 88 -7.88 23.03 -1.17
N ALA A 89 -9.08 22.87 -0.61
CA ALA A 89 -10.27 22.60 -1.37
C ALA A 89 -11.12 23.85 -1.52
N ASP A 90 -11.77 23.94 -2.67
CA ASP A 90 -12.68 25.02 -2.99
C ASP A 90 -14.11 24.60 -2.63
N LYS A 91 -15.10 25.43 -2.97
N LYS A 91 -15.05 25.47 -2.98
CA LYS A 91 -16.51 25.08 -2.80
CA LYS A 91 -16.47 25.21 -2.90
C LYS A 91 -17.03 24.05 -3.84
C LYS A 91 -16.91 23.93 -3.65
N ASP A 92 -16.16 23.55 -4.69
CA ASP A 92 -16.43 22.38 -5.51
C ASP A 92 -16.00 21.09 -4.78
N GLY A 93 -15.38 21.21 -3.59
CA GLY A 93 -14.94 20.08 -2.82
C GLY A 93 -13.63 19.46 -3.29
N VAL A 94 -12.99 20.09 -4.27
CA VAL A 94 -11.82 19.53 -4.87
C VAL A 94 -10.58 20.29 -4.49
N ALA A 95 -9.55 19.54 -4.14
CA ALA A 95 -8.20 20.04 -3.98
C ALA A 95 -7.37 19.48 -5.13
N ASP A 96 -6.82 20.39 -5.93
CA ASP A 96 -5.84 20.01 -6.95
C ASP A 96 -4.47 20.01 -6.26
N VAL A 97 -3.74 18.93 -6.43
CA VAL A 97 -2.44 18.82 -5.80
C VAL A 97 -1.37 18.88 -6.86
N SER A 98 -0.41 19.78 -6.69
CA SER A 98 0.76 19.77 -7.56
C SER A 98 1.89 20.40 -6.82
N THR A 99 2.73 19.56 -6.24
CA THR A 99 3.86 20.03 -5.50
C THR A 99 5.12 19.25 -5.78
N GLU A 100 6.20 19.81 -5.29
CA GLU A 100 7.49 19.19 -5.41
C GLU A 100 8.11 19.24 -4.04
N ASP A 101 8.64 18.11 -3.59
CA ASP A 101 9.24 18.02 -2.28
C ASP A 101 10.61 17.38 -2.34
N SER A 102 11.50 17.95 -1.52
N SER A 102 11.54 17.94 -1.57
CA SER A 102 12.91 17.60 -1.52
CA SER A 102 12.92 17.47 -1.60
C SER A 102 13.32 16.67 -0.38
C SER A 102 13.34 16.76 -0.33
N VAL A 103 12.41 16.39 0.54
CA VAL A 103 12.71 15.61 1.72
C VAL A 103 12.19 14.17 1.65
N ILE A 104 10.96 13.99 1.17
CA ILE A 104 10.47 12.64 0.85
C ILE A 104 11.34 12.01 -0.24
N SER A 105 11.28 10.69 -0.35
CA SER A 105 11.97 9.97 -1.44
C SER A 105 11.16 8.72 -1.77
N LEU A 106 11.46 8.17 -2.93
CA LEU A 106 10.92 6.87 -3.36
C LEU A 106 11.97 5.77 -3.31
N SER A 107 13.08 6.03 -2.64
CA SER A 107 14.08 5.01 -2.32
C SER A 107 14.86 5.45 -1.08
N GLY A 108 15.71 4.57 -0.60
CA GLY A 108 16.52 4.85 0.60
C GLY A 108 15.76 4.93 1.90
N ASP A 109 16.40 5.50 2.92
CA ASP A 109 15.83 5.52 4.25
C ASP A 109 14.65 6.48 4.38
N HIS A 110 14.57 7.48 3.52
CA HIS A 110 13.41 8.40 3.51
C HIS A 110 12.31 7.93 2.58
N CYS A 111 12.39 6.68 2.12
CA CYS A 111 11.37 6.16 1.21
C CYS A 111 9.99 6.14 1.84
N ILE A 112 9.02 6.65 1.09
CA ILE A 112 7.64 6.67 1.55
C ILE A 112 6.78 5.54 1.03
N THR A 113 7.35 4.76 0.12
N THR A 113 7.28 4.79 0.05
CA THR A 113 6.64 3.65 -0.46
CA THR A 113 6.47 3.71 -0.50
C THR A 113 6.34 2.61 0.64
C THR A 113 6.33 2.61 0.56
N GLY A 114 5.13 2.05 0.66
CA GLY A 114 4.77 1.13 1.71
C GLY A 114 4.25 1.79 2.97
N ARG A 115 4.23 3.11 2.97
CA ARG A 115 3.68 3.90 4.09
C ARG A 115 2.33 4.47 3.67
N THR A 116 1.64 5.19 4.56
CA THR A 116 0.29 5.66 4.29
C THR A 116 0.26 7.17 4.07
N LEU A 117 -0.40 7.60 3.00
CA LEU A 117 -0.72 9.00 2.81
C LEU A 117 -2.09 9.29 3.39
N VAL A 118 -2.21 10.37 4.15
CA VAL A 118 -3.44 10.71 4.88
C VAL A 118 -3.83 12.15 4.59
N VAL A 119 -5.12 12.35 4.32
CA VAL A 119 -5.71 13.68 4.28
C VAL A 119 -6.64 13.86 5.48
N HIS A 120 -6.44 14.98 6.15
CA HIS A 120 -7.04 15.24 7.43
C HIS A 120 -8.26 16.17 7.38
N GLU A 121 -8.96 16.19 8.51
CA GLU A 121 -10.18 16.97 8.71
C GLU A 121 -10.01 18.49 8.62
N LYS A 122 -8.94 18.96 9.29
N LYS A 122 -8.88 19.04 9.00
CA LYS A 122 -8.69 20.38 9.60
CA LYS A 122 -8.77 20.49 9.00
C LYS A 122 -7.33 20.80 9.04
C LYS A 122 -7.34 20.87 8.78
N ALA A 123 -7.06 22.12 9.07
CA ALA A 123 -5.79 22.66 8.65
C ALA A 123 -4.63 22.20 9.53
N ASP A 124 -3.50 21.97 8.89
CA ASP A 124 -2.22 21.81 9.54
C ASP A 124 -1.64 23.21 9.73
N ASP A 125 -1.32 23.54 10.97
CA ASP A 125 -0.74 24.86 11.29
C ASP A 125 0.78 24.92 11.10
N LEU A 126 1.37 23.85 10.54
CA LEU A 126 2.77 23.79 10.13
C LEU A 126 3.71 23.99 11.30
N GLY A 127 3.26 23.61 12.48
CA GLY A 127 4.05 23.75 13.69
C GLY A 127 4.13 25.14 14.25
N LYS A 128 3.28 26.04 13.76
CA LYS A 128 3.32 27.46 14.16
C LYS A 128 2.13 27.84 15.00
N GLY A 129 1.42 26.84 15.49
CA GLY A 129 0.23 27.10 16.31
C GLY A 129 0.46 27.52 17.75
N GLY A 130 1.66 27.35 18.29
CA GLY A 130 1.98 27.85 19.65
C GLY A 130 1.41 26.98 20.76
N ASN A 131 1.16 25.71 20.45
N ASN A 131 1.22 25.70 20.46
CA ASN A 131 0.84 24.73 21.49
CA ASN A 131 0.85 24.74 21.47
C ASN A 131 1.58 23.43 21.22
C ASN A 131 1.58 23.43 21.22
N GLU A 132 1.49 22.52 22.18
CA GLU A 132 2.28 21.30 22.13
C GLU A 132 1.87 20.42 20.96
N GLU A 133 0.57 20.35 20.68
CA GLU A 133 0.09 19.53 19.59
C GLU A 133 0.61 20.05 18.25
N SER A 134 0.80 21.35 18.12
CA SER A 134 1.22 21.92 16.86
C SER A 134 2.54 21.29 16.42
N THR A 135 3.45 21.02 17.35
CA THR A 135 4.76 20.47 16.95
C THR A 135 4.78 18.94 16.93
N LYS A 136 3.61 18.31 17.03
N LYS A 136 3.61 18.32 17.00
CA LYS A 136 3.50 16.86 16.84
CA LYS A 136 3.45 16.88 16.84
C LYS A 136 2.61 16.51 15.61
C LYS A 136 2.62 16.53 15.60
N THR A 137 1.43 17.10 15.51
CA THR A 137 0.45 16.78 14.46
C THR A 137 0.04 17.97 13.61
N GLY A 138 0.37 19.18 14.05
CA GLY A 138 -0.09 20.37 13.39
C GLY A 138 -1.54 20.71 13.63
N ASN A 139 -2.18 20.03 14.57
CA ASN A 139 -3.58 20.26 14.86
C ASN A 139 -4.51 20.00 13.68
N ALA A 140 -4.15 19.07 12.82
CA ALA A 140 -4.93 18.81 11.62
C ALA A 140 -6.15 17.91 11.87
N GLY A 141 -6.31 17.35 13.07
CA GLY A 141 -7.51 16.63 13.36
C GLY A 141 -7.57 15.23 12.77
N SER A 142 -8.79 14.75 12.64
CA SER A 142 -9.03 13.35 12.26
C SER A 142 -8.62 13.05 10.83
N ARG A 143 -8.66 11.75 10.50
CA ARG A 143 -8.18 11.26 9.22
C ARG A 143 -9.37 10.97 8.31
N LEU A 144 -9.54 11.72 7.23
CA LEU A 144 -10.71 11.55 6.39
C LEU A 144 -10.54 10.47 5.35
N ALA A 145 -9.34 10.31 4.81
CA ALA A 145 -9.08 9.31 3.79
C ALA A 145 -7.60 9.02 3.81
N CYS A 146 -7.24 7.82 3.37
CA CYS A 146 -5.86 7.39 3.35
C CYS A 146 -5.67 6.26 2.36
N GLY A 147 -4.42 5.96 2.06
CA GLY A 147 -4.08 4.78 1.28
C GLY A 147 -2.62 4.47 1.44
N VAL A 148 -2.26 3.23 1.12
CA VAL A 148 -0.87 2.84 1.14
C VAL A 148 -0.23 3.29 -0.16
N ILE A 149 0.96 3.87 -0.06
CA ILE A 149 1.69 4.31 -1.25
C ILE A 149 2.38 3.10 -1.88
N GLY A 150 2.08 2.87 -3.15
CA GLY A 150 2.60 1.73 -3.83
C GLY A 150 3.47 2.04 -5.02
N ILE A 151 4.22 1.01 -5.43
CA ILE A 151 5.10 1.08 -6.57
C ILE A 151 4.28 1.12 -7.84
N ALA A 152 4.57 2.09 -8.71
CA ALA A 152 3.81 2.27 -9.94
C ALA A 152 4.63 1.94 -11.17
N GLN A 153 3.90 1.65 -12.24
CA GLN A 153 4.45 1.34 -13.54
C GLN A 153 5.07 2.52 -14.20
N ALA B 1 12.99 -7.84 14.03
CA ALA B 1 12.20 -8.40 12.90
C ALA B 1 11.63 -7.25 12.11
N THR B 2 11.18 -7.58 10.90
CA THR B 2 10.53 -6.64 10.01
C THR B 2 9.12 -7.19 9.77
N LYS B 3 8.13 -6.31 9.71
CA LYS B 3 6.74 -6.71 9.59
C LYS B 3 6.05 -5.93 8.52
N ALA B 4 5.05 -6.57 7.89
CA ALA B 4 4.24 -5.90 6.87
C ALA B 4 2.81 -6.44 7.00
N VAL B 5 1.88 -5.76 6.35
CA VAL B 5 0.46 -6.10 6.46
C VAL B 5 -0.25 -5.69 5.18
N CYS B 6 -1.33 -6.39 4.88
CA CYS B 6 -2.15 -6.10 3.73
C CYS B 6 -3.61 -6.31 4.03
N VAL B 7 -4.40 -5.30 3.73
CA VAL B 7 -5.86 -5.37 3.82
C VAL B 7 -6.40 -5.67 2.44
N LEU B 8 -6.99 -6.85 2.29
CA LEU B 8 -7.55 -7.28 0.99
C LEU B 8 -9.01 -6.91 0.94
N LYS B 9 -9.40 -6.24 -0.14
CA LYS B 9 -10.80 -5.84 -0.35
C LYS B 9 -11.17 -6.03 -1.81
N GLY B 10 -12.39 -6.61 -1.89
N GLY B 10 -12.44 -6.03 -2.21
CA GLY B 10 -13.12 -6.92 -3.10
CA GLY B 10 -12.70 -6.01 -3.67
C GLY B 10 -14.59 -7.25 -2.85
C GLY B 10 -13.94 -5.29 -4.18
N ASP B 11 -15.33 -7.35 -3.94
N ASP B 11 -14.35 -5.66 -5.39
CA ASP B 11 -16.76 -7.53 -3.90
CA ASP B 11 -15.66 -5.24 -5.89
C ASP B 11 -17.07 -8.90 -3.32
C ASP B 11 -16.77 -5.92 -5.05
N GLY B 12 -18.06 -8.96 -2.43
N GLY B 12 -16.40 -6.97 -4.34
CA GLY B 12 -18.54 -10.22 -1.88
CA GLY B 12 -17.22 -7.50 -3.23
C GLY B 12 -19.32 -10.02 -0.60
C GLY B 12 -17.31 -9.01 -3.13
N PRO B 13 -18.67 -9.43 0.43
N PRO B 13 -17.66 -9.54 -1.94
CA PRO B 13 -17.28 -8.95 0.38
CA PRO B 13 -17.49 -9.19 -0.51
C PRO B 13 -16.27 -10.10 0.36
C PRO B 13 -16.39 -10.05 0.14
N VAL B 14 -15.26 -10.09 -0.55
CA VAL B 14 -14.09 -10.90 -0.30
C VAL B 14 -13.18 -9.95 0.45
N GLN B 15 -12.81 -10.31 1.66
CA GLN B 15 -11.94 -9.45 2.44
C GLN B 15 -11.11 -10.24 3.40
N GLY B 16 -9.94 -9.69 3.72
CA GLY B 16 -9.04 -10.36 4.60
C GLY B 16 -7.94 -9.49 5.06
N ILE B 17 -7.27 -9.91 6.11
CA ILE B 17 -6.08 -9.23 6.62
C ILE B 17 -4.99 -10.26 6.59
N ILE B 18 -3.90 -9.92 5.93
CA ILE B 18 -2.74 -10.79 5.85
C ILE B 18 -1.53 -10.09 6.46
N ASN B 19 -0.87 -10.79 7.37
CA ASN B 19 0.30 -10.32 8.08
C ASN B 19 1.53 -11.01 7.56
N PHE B 20 2.65 -10.30 7.59
CA PHE B 20 3.94 -10.80 7.13
C PHE B 20 4.97 -10.48 8.21
N GLU B 21 5.83 -11.45 8.53
CA GLU B 21 6.96 -11.16 9.45
C GLU B 21 8.21 -11.89 9.02
N GLN B 22 9.34 -11.19 9.06
CA GLN B 22 10.63 -11.74 8.64
C GLN B 22 11.60 -11.44 9.77
N LYS B 23 12.02 -12.49 10.45
CA LYS B 23 12.95 -12.34 11.57
C LYS B 23 14.27 -11.70 11.15
N GLU B 24 14.83 -12.09 10.01
CA GLU B 24 16.08 -11.46 9.49
C GLU B 24 16.07 -11.30 7.97
N SER B 25 16.82 -10.34 7.43
CA SER B 25 16.72 -9.98 6.01
C SER B 25 17.15 -11.13 5.12
N ASN B 26 17.97 -12.01 5.67
CA ASN B 26 18.41 -13.19 4.93
C ASN B 26 17.47 -14.40 5.15
N GLY B 27 16.31 -14.21 5.77
CA GLY B 27 15.53 -15.35 6.22
C GLY B 27 14.13 -15.44 5.63
N PRO B 28 13.42 -16.50 5.98
CA PRO B 28 12.07 -16.66 5.45
C PRO B 28 11.06 -15.68 6.03
N VAL B 29 9.97 -15.54 5.31
CA VAL B 29 8.86 -14.69 5.70
C VAL B 29 7.68 -15.57 6.08
N LYS B 30 7.15 -15.33 7.26
CA LYS B 30 5.92 -15.97 7.71
C LYS B 30 4.75 -15.10 7.27
N VAL B 31 3.74 -15.72 6.71
CA VAL B 31 2.56 -15.08 6.16
C VAL B 31 1.34 -15.74 6.80
N TRP B 32 0.46 -14.95 7.42
CA TRP B 32 -0.70 -15.52 8.09
C TRP B 32 -1.85 -14.56 8.12
N GLY B 33 -3.04 -15.12 8.17
CA GLY B 33 -4.23 -14.34 8.32
C GLY B 33 -5.40 -15.14 7.86
N SER B 34 -6.43 -14.43 7.40
N SER B 34 -6.46 -14.45 7.49
CA SER B 34 -7.76 -14.98 7.17
CA SER B 34 -7.63 -15.11 6.98
C SER B 34 -8.47 -14.20 6.05
C SER B 34 -8.26 -14.26 5.90
N ILE B 35 -9.07 -14.93 5.09
CA ILE B 35 -9.80 -14.30 4.02
C ILE B 35 -11.19 -14.90 4.03
N LYS B 36 -12.20 -14.03 4.01
CA LYS B 36 -13.60 -14.47 4.06
C LYS B 36 -14.30 -14.08 2.77
N GLY B 37 -15.48 -14.67 2.56
CA GLY B 37 -16.32 -14.34 1.44
C GLY B 37 -16.00 -15.08 0.15
N LEU B 38 -15.12 -16.08 0.24
CA LEU B 38 -14.68 -16.86 -0.90
C LEU B 38 -15.61 -18.04 -1.20
N THR B 39 -15.69 -18.44 -2.46
CA THR B 39 -16.32 -19.70 -2.83
C THR B 39 -15.45 -20.87 -2.35
N GLU B 40 -16.06 -22.01 -2.08
CA GLU B 40 -15.32 -23.19 -1.58
C GLU B 40 -14.32 -23.64 -2.63
N GLY B 41 -13.11 -23.94 -2.20
CA GLY B 41 -12.07 -24.43 -3.08
C GLY B 41 -10.85 -23.57 -3.07
N LEU B 42 -10.01 -23.80 -4.08
CA LEU B 42 -8.73 -23.12 -4.18
C LEU B 42 -8.87 -21.75 -4.85
N HIS B 43 -8.07 -20.81 -4.35
CA HIS B 43 -7.97 -19.49 -4.96
C HIS B 43 -6.50 -19.10 -5.06
N GLY B 44 -6.09 -18.74 -6.26
CA GLY B 44 -4.70 -18.28 -6.47
C GLY B 44 -4.37 -17.10 -5.59
N PHE B 45 -3.13 -17.05 -5.13
CA PHE B 45 -2.69 -16.08 -4.14
C PHE B 45 -1.30 -15.64 -4.49
N HIS B 46 -1.14 -14.39 -4.95
CA HIS B 46 0.12 -13.92 -5.46
C HIS B 46 0.41 -12.48 -5.10
N VAL B 47 1.68 -12.17 -5.04
CA VAL B 47 2.13 -10.80 -5.05
C VAL B 47 2.31 -10.35 -6.52
N HIS B 48 1.65 -9.25 -6.89
CA HIS B 48 1.74 -8.68 -8.22
C HIS B 48 2.72 -7.54 -8.17
N GLU B 49 3.17 -7.11 -9.35
CA GLU B 49 4.32 -6.20 -9.47
C GLU B 49 4.04 -4.80 -8.91
N PHE B 50 2.91 -4.22 -9.19
CA PHE B 50 2.67 -2.83 -8.83
C PHE B 50 1.73 -2.70 -7.67
N GLY B 51 2.01 -1.72 -6.83
CA GLY B 51 1.12 -1.36 -5.74
C GLY B 51 0.14 -0.28 -6.17
N ASP B 52 -0.41 -0.44 -7.35
CA ASP B 52 -1.30 0.52 -7.99
C ASP B 52 -2.68 -0.06 -8.05
N ASN B 53 -3.63 0.57 -7.35
N ASN B 53 -3.62 0.59 -7.35
CA ASN B 53 -4.99 0.13 -7.40
CA ASN B 53 -5.04 0.23 -7.28
C ASN B 53 -5.89 1.25 -7.96
C ASN B 53 -5.94 1.25 -8.01
N THR B 54 -5.34 2.11 -8.83
CA THR B 54 -6.07 3.23 -9.45
C THR B 54 -7.39 2.79 -10.06
N ALA B 55 -7.35 1.73 -10.86
CA ALA B 55 -8.55 1.25 -11.55
C ALA B 55 -9.00 -0.09 -11.01
N GLY B 56 -8.64 -0.37 -9.77
CA GLY B 56 -8.89 -1.64 -9.11
C GLY B 56 -7.70 -2.58 -9.23
N CYS B 57 -7.96 -3.87 -8.98
CA CYS B 57 -6.89 -4.85 -8.90
C CYS B 57 -6.17 -5.07 -10.21
N THR B 58 -6.82 -4.77 -11.33
N THR B 58 -6.78 -4.78 -11.35
CA THR B 58 -6.19 -4.86 -12.63
CA THR B 58 -6.07 -4.94 -12.61
C THR B 58 -4.92 -4.01 -12.74
C THR B 58 -4.82 -4.04 -12.67
N SER B 59 -4.86 -2.89 -12.01
CA SER B 59 -3.78 -1.93 -12.10
C SER B 59 -2.49 -2.51 -11.49
N ALA B 60 -2.60 -3.59 -10.71
CA ALA B 60 -1.43 -4.22 -10.08
C ALA B 60 -0.51 -4.94 -11.06
N GLY B 61 -0.95 -5.17 -12.28
CA GLY B 61 -0.03 -5.76 -13.28
C GLY B 61 0.12 -7.25 -13.10
N PRO B 62 1.19 -7.80 -13.65
CA PRO B 62 1.41 -9.24 -13.60
C PRO B 62 2.02 -9.68 -12.27
N HIS B 63 2.25 -10.97 -12.10
CA HIS B 63 2.91 -11.45 -10.91
C HIS B 63 4.28 -10.78 -10.77
N PHE B 64 4.69 -10.51 -9.52
CA PHE B 64 5.99 -9.94 -9.26
C PHE B 64 7.05 -10.97 -9.68
N ASN B 65 7.90 -10.57 -10.62
CA ASN B 65 8.81 -11.51 -11.27
C ASN B 65 10.15 -10.84 -11.61
N PRO B 66 10.90 -10.43 -10.57
CA PRO B 66 12.12 -9.69 -10.84
C PRO B 66 13.18 -10.50 -11.59
N LEU B 67 13.13 -11.81 -11.52
CA LEU B 67 14.13 -12.68 -12.13
C LEU B 67 13.74 -13.20 -13.52
N SER B 68 12.60 -12.78 -14.05
CA SER B 68 12.18 -13.16 -15.42
C SER B 68 12.00 -14.68 -15.58
N ARG B 69 11.42 -15.32 -14.59
N ARG B 69 11.45 -15.32 -14.56
CA ARG B 69 11.16 -16.74 -14.61
CA ARG B 69 11.12 -16.75 -14.54
C ARG B 69 9.69 -17.00 -15.00
C ARG B 69 9.72 -17.00 -15.07
N LYS B 70 9.39 -18.28 -15.22
CA LYS B 70 8.02 -18.69 -15.49
C LYS B 70 7.29 -18.93 -14.18
N HIS B 71 5.97 -18.93 -14.30
CA HIS B 71 5.08 -19.17 -13.16
C HIS B 71 5.24 -20.59 -12.63
N GLY B 72 5.18 -20.72 -11.32
CA GLY B 72 5.16 -22.00 -10.64
C GLY B 72 4.47 -21.92 -9.31
N GLY B 73 4.57 -22.99 -8.53
CA GLY B 73 4.11 -23.01 -7.17
C GLY B 73 5.24 -22.61 -6.25
N PRO B 74 4.88 -22.32 -4.98
CA PRO B 74 5.89 -21.80 -4.06
C PRO B 74 7.04 -22.76 -3.78
N LYS B 75 6.80 -24.07 -3.88
CA LYS B 75 7.86 -25.05 -3.69
C LYS B 75 8.78 -25.25 -4.89
N ASP B 76 8.44 -24.69 -6.03
CA ASP B 76 9.23 -24.88 -7.25
C ASP B 76 10.40 -23.91 -7.31
N GLU B 77 11.53 -24.37 -7.83
CA GLU B 77 12.64 -23.45 -8.10
C GLU B 77 12.26 -22.48 -9.21
N GLU B 78 11.58 -22.99 -10.24
CA GLU B 78 11.12 -22.13 -11.33
C GLU B 78 9.75 -21.58 -10.90
N ARG B 79 9.76 -20.33 -10.48
CA ARG B 79 8.55 -19.61 -10.04
C ARG B 79 8.84 -18.15 -10.14
N HIS B 80 7.79 -17.35 -10.16
CA HIS B 80 7.89 -15.92 -9.91
C HIS B 80 8.11 -15.68 -8.43
N VAL B 81 8.79 -14.60 -8.07
CA VAL B 81 8.94 -14.30 -6.65
C VAL B 81 7.57 -14.18 -5.99
N GLY B 82 6.59 -13.61 -6.71
CA GLY B 82 5.25 -13.43 -6.14
C GLY B 82 4.37 -14.67 -6.01
N ASP B 83 4.84 -15.84 -6.42
CA ASP B 83 4.03 -17.06 -6.50
C ASP B 83 3.86 -17.74 -5.15
N LEU B 84 2.75 -17.44 -4.49
CA LEU B 84 2.48 -18.00 -3.17
C LEU B 84 1.40 -19.08 -3.23
N GLY B 85 1.10 -19.58 -4.41
CA GLY B 85 0.26 -20.77 -4.52
C GLY B 85 -1.24 -20.48 -4.45
N ASN B 86 -1.93 -21.24 -3.61
CA ASN B 86 -3.35 -21.10 -3.40
C ASN B 86 -3.67 -20.96 -1.92
N VAL B 87 -4.77 -20.29 -1.62
CA VAL B 87 -5.45 -20.42 -0.35
C VAL B 87 -6.69 -21.26 -0.60
N THR B 88 -7.11 -22.00 0.42
CA THR B 88 -8.23 -22.93 0.22
C THR B 88 -9.33 -22.52 1.18
N ALA B 89 -10.51 -22.22 0.64
CA ALA B 89 -11.69 -21.87 1.41
C ALA B 89 -12.60 -23.07 1.61
N ASP B 90 -13.23 -23.09 2.77
CA ASP B 90 -14.22 -24.12 3.01
C ASP B 90 -15.62 -23.61 2.69
N LYS B 91 -16.65 -24.41 2.95
CA LYS B 91 -18.04 -23.98 2.73
C LYS B 91 -18.45 -22.71 3.44
N ASP B 92 -17.82 -22.44 4.58
CA ASP B 92 -18.08 -21.20 5.30
C ASP B 92 -17.49 -19.96 4.57
N GLY B 93 -16.77 -20.17 3.50
CA GLY B 93 -16.16 -19.07 2.75
C GLY B 93 -14.87 -18.50 3.30
N VAL B 94 -14.29 -19.17 4.28
CA VAL B 94 -13.08 -18.72 4.96
C VAL B 94 -11.89 -19.58 4.61
N ALA B 95 -10.81 -18.90 4.20
CA ALA B 95 -9.51 -19.50 4.04
C ALA B 95 -8.58 -19.02 5.14
N ASP B 96 -8.00 -19.98 5.86
CA ASP B 96 -6.96 -19.68 6.84
C ASP B 96 -5.62 -19.79 6.15
N VAL B 97 -4.88 -18.69 6.23
CA VAL B 97 -3.60 -18.58 5.56
C VAL B 97 -2.52 -18.76 6.60
N SER B 98 -1.62 -19.69 6.30
CA SER B 98 -0.42 -19.93 7.08
C SER B 98 0.63 -20.47 6.11
N ILE B 99 1.60 -19.65 5.80
CA ILE B 99 2.59 -19.93 4.77
C ILE B 99 3.92 -19.49 5.38
N GLU B 100 4.98 -20.20 5.08
N GLU B 100 4.99 -20.19 5.07
CA GLU B 100 6.32 -19.71 5.24
CA GLU B 100 6.33 -19.66 5.27
C GLU B 100 6.90 -19.74 3.86
C GLU B 100 7.06 -19.80 3.94
N ASP B 101 7.62 -18.69 3.49
CA ASP B 101 8.24 -18.62 2.17
C ASP B 101 9.62 -18.03 2.23
N SER B 102 10.52 -18.64 1.46
N SER B 102 10.59 -18.59 1.51
CA SER B 102 11.93 -18.33 1.44
CA SER B 102 11.95 -18.05 1.54
C SER B 102 12.34 -17.46 0.26
C SER B 102 12.29 -17.19 0.34
N VAL B 103 11.39 -17.12 -0.63
CA VAL B 103 11.68 -16.37 -1.85
C VAL B 103 11.22 -14.90 -1.78
N ILE B 104 10.01 -14.65 -1.31
CA ILE B 104 9.64 -13.28 -0.98
C ILE B 104 10.55 -12.75 0.14
N SER B 105 10.62 -11.43 0.23
N SER B 105 10.59 -11.43 0.27
CA SER B 105 11.33 -10.75 1.30
CA SER B 105 11.28 -10.81 1.40
C SER B 105 10.60 -9.46 1.68
C SER B 105 10.60 -9.48 1.70
N LEU B 106 10.92 -8.94 2.86
CA LEU B 106 10.45 -7.61 3.24
C LEU B 106 11.59 -6.59 3.23
N SER B 107 12.69 -6.95 2.59
CA SER B 107 13.71 -5.96 2.24
C SER B 107 14.51 -6.41 1.01
N GLY B 108 15.40 -5.57 0.50
CA GLY B 108 16.18 -5.94 -0.70
C GLY B 108 15.45 -6.04 -2.03
N ASP B 109 16.09 -6.69 -3.04
CA ASP B 109 15.59 -6.68 -4.43
C ASP B 109 14.27 -7.43 -4.55
N HIS B 110 14.04 -8.39 -3.67
CA HIS B 110 12.83 -9.21 -3.73
C HIS B 110 11.77 -8.76 -2.72
N CYS B 111 11.90 -7.53 -2.24
CA CYS B 111 10.98 -6.94 -1.28
C CYS B 111 9.60 -6.81 -1.93
N ILE B 112 8.59 -7.25 -1.19
CA ILE B 112 7.22 -7.19 -1.66
C ILE B 112 6.42 -6.02 -1.10
N THR B 113 7.02 -5.28 -0.18
N THR B 113 6.97 -5.31 -0.12
CA THR B 113 6.37 -4.13 0.37
CA THR B 113 6.22 -4.18 0.42
C THR B 113 6.15 -3.08 -0.74
C THR B 113 6.16 -3.07 -0.65
N GLY B 114 4.99 -2.43 -0.72
CA GLY B 114 4.68 -1.52 -1.78
C GLY B 114 4.09 -2.12 -3.03
N ARG B 115 3.95 -3.45 -3.04
CA ARG B 115 3.34 -4.18 -4.16
C ARG B 115 1.96 -4.68 -3.74
N THR B 116 1.21 -5.32 -4.61
CA THR B 116 -0.16 -5.70 -4.32
C THR B 116 -0.26 -7.20 -4.12
N LEU B 117 -0.96 -7.61 -3.05
CA LEU B 117 -1.34 -8.99 -2.85
C LEU B 117 -2.73 -9.19 -3.44
N VAL B 118 -2.92 -10.27 -4.19
CA VAL B 118 -4.16 -10.52 -4.87
C VAL B 118 -4.64 -11.92 -4.58
N VAL B 119 -5.94 -12.07 -4.33
CA VAL B 119 -6.58 -13.39 -4.27
C VAL B 119 -7.52 -13.51 -5.47
N HIS B 120 -7.39 -14.65 -6.13
CA HIS B 120 -8.03 -14.88 -7.44
C HIS B 120 -9.31 -15.71 -7.38
N GLU B 121 -10.03 -15.62 -8.49
N GLU B 121 -10.06 -15.67 -8.47
CA GLU B 121 -11.28 -16.32 -8.73
CA GLU B 121 -11.34 -16.38 -8.54
C GLU B 121 -11.22 -17.84 -8.58
C GLU B 121 -11.22 -17.90 -8.56
N LYS B 122 -10.16 -18.41 -9.17
CA LYS B 122 -10.02 -19.82 -9.48
C LYS B 122 -8.69 -20.36 -8.91
N ALA B 123 -8.50 -21.66 -9.03
CA ALA B 123 -7.28 -22.30 -8.60
C ALA B 123 -6.12 -21.91 -9.50
N ASP B 124 -4.97 -21.77 -8.85
CA ASP B 124 -3.68 -21.70 -9.51
C ASP B 124 -3.20 -23.13 -9.73
N ASP B 125 -2.92 -23.47 -10.97
CA ASP B 125 -2.46 -24.82 -11.30
C ASP B 125 -0.96 -25.00 -11.08
N LEU B 126 -0.29 -23.98 -10.53
CA LEU B 126 1.12 -24.03 -10.14
C LEU B 126 2.03 -24.32 -11.31
N GLY B 127 1.62 -23.88 -12.50
CA GLY B 127 2.39 -24.06 -13.73
C GLY B 127 2.34 -25.47 -14.29
N LYS B 128 1.46 -26.32 -13.76
CA LYS B 128 1.40 -27.75 -14.14
C LYS B 128 0.18 -28.04 -15.00
N GLY B 129 -0.45 -27.01 -15.54
CA GLY B 129 -1.70 -27.16 -16.29
C GLY B 129 -1.56 -27.56 -17.74
N GLY B 130 -0.35 -27.51 -18.29
CA GLY B 130 -0.06 -28.00 -19.65
C GLY B 130 -0.49 -27.09 -20.78
N ASN B 131 -0.60 -25.80 -20.50
CA ASN B 131 -0.91 -24.83 -21.54
C ASN B 131 -0.10 -23.56 -21.31
N GLU B 132 -0.19 -22.65 -22.26
CA GLU B 132 0.65 -21.46 -22.29
C GLU B 132 0.40 -20.56 -21.08
N GLU B 133 -0.87 -20.36 -20.78
CA GLU B 133 -1.21 -19.47 -19.68
C GLU B 133 -0.80 -20.09 -18.33
N SER B 134 -0.68 -21.41 -18.19
CA SER B 134 -0.31 -22.01 -16.93
C SER B 134 1.01 -21.48 -16.44
N THR B 135 1.97 -21.33 -17.35
CA THR B 135 3.29 -20.87 -16.95
C THR B 135 3.44 -19.33 -16.96
N LYS B 136 2.33 -18.61 -17.06
CA LYS B 136 2.30 -17.16 -16.90
C LYS B 136 1.44 -16.73 -15.69
N THR B 137 0.21 -17.22 -15.61
CA THR B 137 -0.72 -16.85 -14.53
C THR B 137 -1.21 -18.03 -13.68
N GLY B 138 -0.95 -19.25 -14.11
CA GLY B 138 -1.47 -20.42 -13.41
C GLY B 138 -2.96 -20.64 -13.65
N ASN B 139 -3.53 -19.92 -14.59
CA ASN B 139 -4.97 -20.02 -14.90
C ASN B 139 -5.89 -19.73 -13.72
N ALA B 140 -5.47 -18.82 -12.84
CA ALA B 140 -6.24 -18.52 -11.63
C ALA B 140 -7.36 -17.53 -11.85
N GLY B 141 -7.48 -16.96 -13.05
CA GLY B 141 -8.66 -16.16 -13.34
C GLY B 141 -8.63 -14.77 -12.75
N SER B 142 -9.82 -14.18 -12.62
N SER B 142 -9.83 -14.24 -12.54
CA SER B 142 -9.93 -12.79 -12.27
CA SER B 142 -10.06 -12.86 -12.19
C SER B 142 -9.51 -12.52 -10.82
C SER B 142 -9.63 -12.53 -10.76
N ARG B 143 -9.48 -11.24 -10.48
CA ARG B 143 -8.95 -10.78 -9.20
C ARG B 143 -10.08 -10.40 -8.28
N LEU B 144 -10.30 -11.21 -7.25
CA LEU B 144 -11.46 -10.99 -6.39
C LEU B 144 -11.23 -9.91 -5.36
N ALA B 145 -10.00 -9.79 -4.86
CA ALA B 145 -9.67 -8.82 -3.82
C ALA B 145 -8.18 -8.59 -3.83
N CYS B 146 -7.79 -7.42 -3.39
CA CYS B 146 -6.38 -7.05 -3.39
C CYS B 146 -6.15 -5.93 -2.39
N GLY B 147 -4.89 -5.71 -2.09
CA GLY B 147 -4.47 -4.58 -1.30
C GLY B 147 -3.00 -4.37 -1.44
N VAL B 148 -2.55 -3.17 -1.13
CA VAL B 148 -1.14 -2.86 -1.19
C VAL B 148 -0.48 -3.35 0.11
N ILE B 149 0.67 -4.00 0.01
CA ILE B 149 1.40 -4.48 1.17
C ILE B 149 2.16 -3.30 1.79
N GLY B 150 1.93 -3.06 3.08
CA GLY B 150 2.51 -1.92 3.76
C GLY B 150 3.37 -2.30 4.92
N ILE B 151 4.20 -1.36 5.31
CA ILE B 151 5.07 -1.51 6.47
C ILE B 151 4.27 -1.51 7.73
N ALA B 152 4.51 -2.47 8.61
CA ALA B 152 3.74 -2.59 9.85
C ALA B 152 4.61 -2.30 11.07
N GLN B 153 3.94 -1.93 12.16
CA GLN B 153 4.52 -1.63 13.45
C GLN B 153 5.14 -2.86 14.08
S SO4 C . -4.93 16.52 16.50
O1 SO4 C . -3.95 16.09 15.55
O2 SO4 C . -5.81 15.41 16.80
O3 SO4 C . -4.14 17.00 17.64
O4 SO4 C . -5.63 17.66 15.86
N1 12I D . 16.85 8.53 1.97
C2 12I D . 16.23 8.74 0.83
C3 12I D . 17.54 9.55 2.56
N3 12I D . 16.66 12.21 -0.10
C4 12I D . 17.57 10.87 1.91
N4 12I D . 16.55 14.66 -1.48
C5 12I D . 18.28 11.89 2.53
C6 12I D . 18.95 11.66 3.73
C7 12I D . 18.93 10.41 4.34
C8 12I D . 16.86 11.02 0.64
C9 12I D . 16.44 12.16 -1.53
C10 12I D . 16.78 13.47 -2.25
C11 12I D . 16.76 14.65 -0.01
C17 12I D . 18.23 9.37 3.76
C12 12I D . 16.20 13.39 0.64
N9 12I D . 16.23 9.94 0.19
C13 12I D . 16.58 15.90 -2.28
S SO4 E . -8.51 9.17 13.35
O1 SO4 E . -7.60 8.18 12.77
O2 SO4 E . -9.28 8.56 14.44
O3 SO4 E . -7.70 10.28 13.87
O4 SO4 E . -9.39 9.70 12.32
N1 12I F . 0.27 15.44 -14.67
C2 12I F . 0.92 14.46 -15.35
C3 12I F . 0.93 16.28 -13.83
N3 12I F . 4.43 14.71 -14.45
C4 12I F . 2.41 16.12 -13.66
N4 12I F . 7.08 13.96 -14.65
C5 12I F . 3.05 17.00 -12.80
C6 12I F . 2.33 17.98 -12.11
C7 12I F . 0.94 18.12 -12.28
C8 12I F . 3.05 15.03 -14.44
C9 12I F . 5.32 14.93 -13.32
C10 12I F . 6.40 13.85 -13.37
C11 12I F . 6.42 14.58 -15.79
C17 12I F . 0.25 17.27 -13.13
C12 12I F . 4.97 14.13 -15.69
N9 12I F . 2.25 14.27 -15.25
C13 12I F . 8.43 13.45 -14.82
CU CU G . -1.36 13.17 8.71
ZN ZN H . 4.45 16.05 11.01
C ACT I . 16.50 18.60 -4.55
O ACT I . 16.21 19.80 -4.73
OXT ACT I . 17.68 18.25 -4.71
CH3 ACT I . 15.46 17.61 -4.16
S SO4 J . -6.14 -16.21 -16.50
O1 SO4 J . -5.08 -16.00 -15.53
O2 SO4 J . -7.01 -17.25 -15.94
O3 SO4 J . -6.90 -14.96 -16.57
O4 SO4 J . -5.55 -16.59 -17.75
S SO4 K . -9.14 -8.66 -13.40
O1 SO4 K . -8.58 -9.85 -14.03
O2 SO4 K . -9.98 -9.08 -12.28
O3 SO4 K . -8.06 -7.78 -12.98
O4 SO4 K . -9.97 -7.98 -14.41
CU CU L . -2.23 -13.13 -8.69
CU CU L . -2.48 -12.96 -9.36
S SO4 M . -10.51 -5.48 -10.70
O1 SO4 M . -9.82 -6.77 -10.72
O2 SO4 M . -11.86 -5.59 -11.20
O3 SO4 M . -10.56 -5.05 -9.29
O4 SO4 M . -9.74 -4.54 -11.53
ZN ZN N . 3.32 -16.38 -11.08
N1 12I O . -0.95 -15.68 14.66
C2 12I O . -0.30 -14.73 15.36
C3 12I O . -0.28 -16.50 13.81
N3 12I O . 3.25 -14.93 14.49
C4 12I O . 1.19 -16.37 13.64
N4 12I O . 5.86 -14.84 15.27
C5 12I O . 1.81 -17.25 12.76
C6 12I O . 1.05 -18.20 12.06
C7 12I O . -0.33 -18.32 12.22
C8 12I O . 1.87 -15.29 14.46
C9 12I O . 3.68 -13.86 15.39
C10 12I O . 4.85 -14.39 16.21
C11 12I O . 5.59 -14.86 13.84
C17 12I O . -0.99 -17.46 13.09
C12 12I O . 4.25 -15.57 13.65
N9 12I O . 1.03 -14.56 15.26
C13 12I O . 7.17 -15.27 15.77
#